data_6MQL
#
_entry.id   6MQL
#
_cell.length_a   83.920
_cell.length_b   56.490
_cell.length_c   70.290
_cell.angle_alpha   90.000
_cell.angle_beta   114.860
_cell.angle_gamma   90.000
#
_symmetry.space_group_name_H-M   'C 1 2 1'
#
loop_
_entity.id
_entity.type
_entity.pdbx_description
1 polymer Septin-12
2 non-polymer "GUANOSINE-5'-DIPHOSPHATE"
3 non-polymer 'MAGNESIUM ION'
4 water water
#
_entity_poly.entity_id   1
_entity_poly.type   'polypeptide(L)'
_entity_poly.pdbx_seq_one_letter_code
;MGSSHHHHHHSSGLVPRGSHMGFEFNIMVVGQSGLGKSTMVNTLFKSKVWKSNPPGLGVPTPQMLQLHSLTHVIEEKGVK
LKLTVTDTPGFGDQINNDNCWDPILGYINEQYEQYLQEEILITRQRHIPDTRVHCCVYFVPPTGHCLRPLDIEFLQRLCR
TVNVVPVIARADSLTMEEREAFRRRIQQNLRTHCIDVYPQMCFDEDINDKILNSKLRDRIPFAVVGADQEHLVNGRCVLG
RKTKWGIIEVENMAHCEFPLLRDLLIRSHLQDLKDITHNIHYENYRVIRLNESHL
;
_entity_poly.pdbx_strand_id   A
#
loop_
_chem_comp.id
_chem_comp.type
_chem_comp.name
_chem_comp.formula
GDP RNA linking GUANOSINE-5'-DIPHOSPHATE 'C10 H15 N5 O11 P2'
MG non-polymer 'MAGNESIUM ION' 'Mg 2'
#
# COMPACT_ATOMS: atom_id res chain seq x y z
N PHE A 23 -17.35 -6.51 0.98
CA PHE A 23 -17.26 -5.17 1.52
C PHE A 23 -15.99 -5.01 2.36
N GLU A 24 -15.17 -6.05 2.38
CA GLU A 24 -13.92 -6.05 3.12
C GLU A 24 -12.77 -5.58 2.23
N PHE A 25 -11.88 -4.79 2.80
CA PHE A 25 -10.69 -4.31 2.10
C PHE A 25 -9.55 -4.20 3.10
N ASN A 26 -8.44 -4.87 2.79
CA ASN A 26 -7.31 -5.00 3.71
C ASN A 26 -6.07 -4.38 3.09
N ILE A 27 -5.47 -3.42 3.78
CA ILE A 27 -4.21 -2.80 3.36
C ILE A 27 -3.15 -3.14 4.38
N MET A 28 -1.90 -3.22 3.93
CA MET A 28 -0.76 -3.44 4.79
C MET A 28 0.35 -2.48 4.41
N VAL A 29 0.89 -1.78 5.40
CA VAL A 29 2.02 -0.87 5.20
C VAL A 29 3.29 -1.60 5.58
N VAL A 30 4.30 -1.54 4.71
CA VAL A 30 5.54 -2.29 4.87
C VAL A 30 6.71 -1.35 4.59
N GLY A 31 7.70 -1.37 5.48
CA GLY A 31 8.87 -0.53 5.31
C GLY A 31 9.69 -0.50 6.57
N GLN A 32 10.85 0.13 6.46
CA GLN A 32 11.73 0.29 7.61
C GLN A 32 11.10 1.24 8.63
N SER A 33 11.64 1.23 9.84
CA SER A 33 11.16 2.13 10.88
C SER A 33 11.51 3.57 10.52
N GLY A 34 10.74 4.50 11.08
CA GLY A 34 11.00 5.91 10.87
C GLY A 34 10.71 6.40 9.46
N LEU A 35 9.75 5.80 8.77
CA LEU A 35 9.38 6.20 7.42
C LEU A 35 7.97 6.78 7.36
N GLY A 36 7.33 6.98 8.51
CA GLY A 36 5.99 7.54 8.53
C GLY A 36 4.87 6.57 8.24
N LYS A 37 5.11 5.26 8.42
CA LYS A 37 4.08 4.27 8.15
C LYS A 37 2.90 4.43 9.10
N SER A 38 3.17 4.46 10.41
CA SER A 38 2.10 4.63 11.38
C SER A 38 1.39 5.96 11.19
N THR A 39 2.13 7.00 10.83
CA THR A 39 1.50 8.29 10.52
C THR A 39 0.61 8.16 9.29
N MET A 40 1.02 7.36 8.31
CA MET A 40 0.23 7.17 7.10
C MET A 40 -1.05 6.39 7.39
N VAL A 41 -0.99 5.43 8.32
CA VAL A 41 -2.20 4.70 8.71
C VAL A 41 -3.22 5.66 9.30
N ASN A 42 -2.76 6.61 10.14
CA ASN A 42 -3.66 7.60 10.71
C ASN A 42 -4.10 8.63 9.68
N THR A 43 -3.23 8.96 8.72
CA THR A 43 -3.60 9.92 7.68
C THR A 43 -4.73 9.37 6.81
N LEU A 44 -4.70 8.07 6.51
CA LEU A 44 -5.80 7.47 5.77
C LEU A 44 -7.08 7.49 6.59
N PHE A 45 -7.04 6.93 7.80
CA PHE A 45 -8.23 6.74 8.62
C PHE A 45 -8.87 8.06 9.07
N LYS A 46 -8.18 9.19 8.91
CA LYS A 46 -8.74 10.49 9.30
C LYS A 46 -8.77 11.48 8.14
N SER A 47 -8.77 10.98 6.91
CA SER A 47 -8.82 11.85 5.74
C SER A 47 -10.14 12.61 5.69
N LYS A 48 -10.10 13.81 5.11
CA LYS A 48 -11.28 14.65 4.99
C LYS A 48 -12.20 14.23 3.84
N VAL A 49 -11.82 13.21 3.07
CA VAL A 49 -12.71 12.69 2.04
C VAL A 49 -13.99 12.14 2.67
N TRP A 50 -13.88 11.62 3.89
CA TRP A 50 -14.98 10.96 4.56
C TRP A 50 -15.69 11.93 5.48
N LYS A 51 -17.02 11.85 5.49
CA LYS A 51 -17.82 12.56 6.47
C LYS A 51 -17.91 11.82 7.79
N SER A 52 -17.17 10.71 7.94
CA SER A 52 -17.08 9.95 9.16
C SER A 52 -15.68 10.13 9.72
N ASN A 53 -15.58 10.64 10.96
CA ASN A 53 -14.25 10.97 11.49
C ASN A 53 -13.44 9.72 11.81
N PRO A 54 -13.85 8.85 12.77
CA PRO A 54 -13.06 7.62 12.79
C PRO A 54 -13.91 6.39 12.45
N GLN A 63 6.76 1.22 20.70
CA GLN A 63 7.61 0.03 20.71
C GLN A 63 6.84 -1.18 20.16
N MET A 64 6.41 -1.09 18.91
CA MET A 64 5.65 -2.16 18.28
C MET A 64 6.60 -3.25 17.78
N LEU A 65 6.29 -4.50 18.11
CA LEU A 65 7.10 -5.64 17.71
C LEU A 65 6.31 -6.72 16.99
N GLN A 66 4.99 -6.59 16.90
CA GLN A 66 4.15 -7.56 16.20
C GLN A 66 3.25 -6.82 15.21
N LEU A 67 2.63 -7.60 14.33
CA LEU A 67 1.66 -7.04 13.41
C LEU A 67 0.41 -6.60 14.16
N HIS A 68 -0.09 -5.42 13.82
CA HIS A 68 -1.29 -4.87 14.44
C HIS A 68 -2.24 -4.39 13.34
N SER A 69 -3.43 -4.97 13.31
CA SER A 69 -4.46 -4.58 12.35
C SER A 69 -5.44 -3.62 13.01
N LEU A 70 -5.80 -2.57 12.28
CA LEU A 70 -6.75 -1.57 12.74
C LEU A 70 -7.91 -1.52 11.76
N THR A 71 -9.11 -1.83 12.23
CA THR A 71 -10.30 -1.94 11.39
C THR A 71 -11.29 -0.85 11.77
N HIS A 72 -11.79 -0.13 10.76
CA HIS A 72 -12.81 0.90 10.95
C HIS A 72 -13.79 0.82 9.81
N VAL A 73 -15.06 0.54 10.12
CA VAL A 73 -16.10 0.48 9.10
C VAL A 73 -16.45 1.89 8.67
N ILE A 74 -15.74 2.39 7.65
CA ILE A 74 -15.88 3.77 7.20
C ILE A 74 -16.98 3.87 6.16
N GLU A 75 -17.27 5.10 5.73
CA GLU A 75 -18.23 5.35 4.67
C GLU A 75 -17.95 6.73 4.08
N GLU A 76 -18.21 6.87 2.78
CA GLU A 76 -17.94 8.13 2.09
C GLU A 76 -19.22 8.86 1.74
N LYS A 77 -19.88 8.42 0.66
CA LYS A 77 -21.12 9.02 0.19
C LYS A 77 -22.16 7.91 0.01
N GLY A 78 -22.61 7.35 1.12
CA GLY A 78 -23.62 6.31 1.09
C GLY A 78 -23.11 4.95 0.65
N VAL A 79 -21.83 4.65 0.92
CA VAL A 79 -21.23 3.38 0.57
C VAL A 79 -20.44 2.89 1.80
N LYS A 80 -20.90 1.82 2.42
CA LYS A 80 -20.23 1.28 3.60
C LYS A 80 -19.04 0.43 3.20
N LEU A 81 -17.94 0.57 3.95
CA LEU A 81 -16.71 -0.15 3.68
C LEU A 81 -16.03 -0.50 4.99
N LYS A 82 -15.64 -1.77 5.14
CA LYS A 82 -14.90 -2.24 6.30
C LYS A 82 -13.42 -2.21 5.95
N LEU A 83 -12.77 -1.09 6.27
CA LEU A 83 -11.36 -0.90 5.95
C LEU A 83 -10.49 -1.41 7.08
N THR A 84 -9.51 -2.25 6.73
CA THR A 84 -8.54 -2.79 7.69
C THR A 84 -7.14 -2.46 7.20
N VAL A 85 -6.36 -1.78 8.03
CA VAL A 85 -4.98 -1.43 7.72
C VAL A 85 -4.09 -2.11 8.76
N THR A 86 -3.17 -2.95 8.29
CA THR A 86 -2.26 -3.68 9.16
C THR A 86 -0.93 -2.95 9.22
N ASP A 87 -0.62 -2.38 10.38
CA ASP A 87 0.67 -1.75 10.60
C ASP A 87 1.71 -2.81 10.94
N THR A 88 2.88 -2.70 10.33
CA THR A 88 3.90 -3.72 10.51
C THR A 88 5.10 -3.17 11.30
N PRO A 89 5.79 -4.01 12.05
CA PRO A 89 7.03 -3.58 12.69
C PRO A 89 8.10 -3.27 11.66
N GLY A 90 9.12 -2.54 12.10
CA GLY A 90 10.18 -2.14 11.20
C GLY A 90 11.17 -3.27 10.97
N PHE A 91 11.42 -3.57 9.69
CA PHE A 91 12.51 -4.43 9.29
C PHE A 91 13.68 -3.59 8.82
N GLY A 92 14.84 -4.22 8.73
CA GLY A 92 16.04 -3.51 8.34
C GLY A 92 16.71 -2.72 9.44
N ASP A 93 16.13 -2.68 10.64
CA ASP A 93 16.76 -2.00 11.77
C ASP A 93 17.88 -2.81 12.40
N GLN A 94 17.85 -4.12 12.24
CA GLN A 94 18.89 -4.95 12.81
C GLN A 94 20.16 -4.89 11.97
N ILE A 95 21.26 -5.32 12.58
CA ILE A 95 22.48 -5.58 11.81
C ILE A 95 22.24 -6.73 10.82
N ASN A 96 21.67 -7.86 11.29
CA ASN A 96 21.38 -8.98 10.38
C ASN A 96 19.92 -9.03 10.02
N ASN A 97 19.60 -8.55 8.81
CA ASN A 97 18.24 -8.52 8.28
C ASN A 97 18.00 -9.58 7.22
N ASP A 98 18.81 -10.64 7.19
CA ASP A 98 18.56 -11.73 6.26
C ASP A 98 17.24 -12.41 6.60
N ASN A 99 16.43 -12.67 5.57
CA ASN A 99 15.12 -13.33 5.73
C ASN A 99 14.18 -12.53 6.63
N CYS A 100 14.33 -11.20 6.65
CA CYS A 100 13.43 -10.37 7.43
C CYS A 100 12.05 -10.24 6.79
N TRP A 101 11.88 -10.71 5.55
CA TRP A 101 10.61 -10.64 4.86
C TRP A 101 9.69 -11.80 5.22
N ASP A 102 10.23 -12.87 5.82
CA ASP A 102 9.42 -14.06 6.09
C ASP A 102 8.25 -13.81 7.03
N PRO A 103 8.37 -13.04 8.11
CA PRO A 103 7.17 -12.75 8.93
C PRO A 103 6.05 -12.09 8.15
N ILE A 104 6.38 -11.28 7.15
CA ILE A 104 5.35 -10.65 6.32
C ILE A 104 4.86 -11.61 5.26
N LEU A 105 5.78 -12.30 4.57
CA LEU A 105 5.39 -13.29 3.58
C LEU A 105 4.63 -14.45 4.22
N GLY A 106 4.98 -14.81 5.45
CA GLY A 106 4.26 -15.87 6.14
C GLY A 106 2.84 -15.47 6.49
N TYR A 107 2.65 -14.22 6.93
CA TYR A 107 1.31 -13.75 7.28
C TYR A 107 0.41 -13.70 6.04
N ILE A 108 0.96 -13.26 4.91
CA ILE A 108 0.16 -13.17 3.69
C ILE A 108 -0.29 -14.55 3.24
N ASN A 109 0.61 -15.54 3.31
CA ASN A 109 0.24 -16.90 2.92
C ASN A 109 -0.72 -17.53 3.91
N GLU A 110 -0.68 -17.11 5.17
CA GLU A 110 -1.64 -17.64 6.14
C GLU A 110 -3.07 -17.31 5.73
N GLN A 111 -3.31 -16.10 5.24
CA GLN A 111 -4.65 -15.71 4.83
C GLN A 111 -5.08 -16.49 3.59
N TYR A 112 -4.16 -16.73 2.66
CA TYR A 112 -4.45 -17.59 1.51
C TYR A 112 -4.78 -19.00 1.97
N GLU A 113 -4.02 -19.53 2.93
CA GLU A 113 -4.25 -20.89 3.42
C GLU A 113 -5.58 -20.98 4.15
N GLN A 114 -5.92 -19.98 4.97
CA GLN A 114 -7.18 -20.00 5.68
C GLN A 114 -8.37 -19.87 4.72
N TYR A 115 -8.24 -19.03 3.70
CA TYR A 115 -9.30 -18.91 2.70
C TYR A 115 -9.44 -20.20 1.90
N LEU A 116 -8.33 -20.89 1.64
CA LEU A 116 -8.38 -22.14 0.89
C LEU A 116 -9.08 -23.23 1.70
N GLN A 117 -8.73 -23.36 2.98
CA GLN A 117 -9.34 -24.39 3.81
C GLN A 117 -10.84 -24.17 3.96
N GLU A 118 -11.28 -22.91 4.03
CA GLU A 118 -12.70 -22.63 4.10
C GLU A 118 -13.40 -22.93 2.78
N GLU A 119 -12.69 -22.82 1.66
CA GLU A 119 -13.29 -23.03 0.35
C GLU A 119 -13.40 -24.51 0.01
N ILE A 120 -12.53 -25.36 0.56
CA ILE A 120 -12.56 -26.78 0.22
C ILE A 120 -13.41 -27.61 1.16
N LEU A 121 -13.95 -27.02 2.23
CA LEU A 121 -14.82 -27.75 3.14
C LEU A 121 -16.08 -28.23 2.41
N ILE A 122 -16.63 -29.36 2.87
CA ILE A 122 -17.86 -29.86 2.29
C ILE A 122 -19.03 -28.96 2.68
N THR A 123 -19.07 -28.50 3.93
CA THR A 123 -20.06 -27.55 4.41
C THR A 123 -19.33 -26.23 4.67
N ARG A 124 -19.59 -25.25 3.82
CA ARG A 124 -18.89 -23.97 3.86
C ARG A 124 -19.77 -22.88 4.47
N GLN A 125 -19.11 -21.81 4.93
CA GLN A 125 -19.82 -20.65 5.42
C GLN A 125 -20.52 -19.93 4.26
N ARG A 126 -21.65 -19.30 4.58
CA ARG A 126 -22.36 -18.53 3.56
C ARG A 126 -21.52 -17.37 3.04
N HIS A 127 -20.67 -16.80 3.89
CA HIS A 127 -19.72 -15.77 3.48
C HIS A 127 -18.39 -16.05 4.16
N ILE A 128 -17.38 -16.40 3.36
CA ILE A 128 -16.04 -16.64 3.87
C ILE A 128 -15.41 -15.30 4.24
N PRO A 129 -14.95 -15.12 5.47
CA PRO A 129 -14.30 -13.86 5.85
C PRO A 129 -13.02 -13.65 5.06
N ASP A 130 -12.91 -12.48 4.44
CA ASP A 130 -11.75 -12.17 3.59
C ASP A 130 -10.73 -11.40 4.43
N THR A 131 -9.72 -12.12 4.92
CA THR A 131 -8.60 -11.51 5.63
C THR A 131 -7.36 -11.39 4.77
N ARG A 132 -7.47 -11.69 3.47
CA ARG A 132 -6.31 -11.60 2.58
C ARG A 132 -5.91 -10.16 2.35
N VAL A 133 -4.61 -9.92 2.25
CA VAL A 133 -4.10 -8.59 1.97
C VAL A 133 -4.37 -8.26 0.50
N HIS A 134 -5.14 -7.20 0.26
CA HIS A 134 -5.49 -6.80 -1.09
C HIS A 134 -4.47 -5.83 -1.70
N CYS A 135 -3.69 -5.14 -0.88
CA CYS A 135 -2.65 -4.27 -1.40
C CYS A 135 -1.63 -4.00 -0.31
N CYS A 136 -0.35 -4.02 -0.70
CA CYS A 136 0.75 -3.71 0.20
CA CYS A 136 0.75 -3.71 0.20
C CYS A 136 1.39 -2.40 -0.22
N VAL A 137 1.50 -1.46 0.72
CA VAL A 137 2.12 -0.17 0.48
C VAL A 137 3.54 -0.24 1.00
N TYR A 138 4.51 -0.31 0.10
CA TYR A 138 5.91 -0.39 0.48
C TYR A 138 6.53 1.00 0.52
N PHE A 139 7.15 1.33 1.65
CA PHE A 139 7.71 2.65 1.89
C PHE A 139 9.20 2.65 1.56
N VAL A 140 9.58 3.45 0.58
CA VAL A 140 10.97 3.58 0.16
C VAL A 140 11.56 4.81 0.86
N PRO A 141 12.70 4.69 1.53
CA PRO A 141 13.30 5.84 2.19
C PRO A 141 13.66 6.92 1.20
N PRO A 142 13.47 8.20 1.56
CA PRO A 142 13.76 9.29 0.62
C PRO A 142 15.25 9.57 0.50
N THR A 143 16.03 8.54 0.16
CA THR A 143 17.48 8.71 0.06
C THR A 143 17.86 9.61 -1.09
N GLY A 144 17.03 9.68 -2.13
CA GLY A 144 17.36 10.43 -3.34
C GLY A 144 18.26 9.71 -4.30
N HIS A 145 18.80 8.54 -3.92
CA HIS A 145 19.68 7.77 -4.78
C HIS A 145 18.88 6.79 -5.62
N CYS A 146 18.81 5.54 -5.17
CA CYS A 146 18.05 4.51 -5.89
C CYS A 146 17.66 3.42 -4.90
N LEU A 147 17.09 2.33 -5.41
CA LEU A 147 16.67 1.24 -4.56
C LEU A 147 17.87 0.54 -3.94
N ARG A 148 17.75 0.19 -2.67
CA ARG A 148 18.78 -0.53 -1.93
C ARG A 148 18.61 -2.02 -2.12
N PRO A 149 19.67 -2.80 -1.87
CA PRO A 149 19.53 -4.27 -1.96
C PRO A 149 18.43 -4.83 -1.09
N LEU A 150 18.16 -4.22 0.07
CA LEU A 150 17.09 -4.70 0.94
C LEU A 150 15.72 -4.46 0.29
N ASP A 151 15.53 -3.29 -0.32
CA ASP A 151 14.27 -2.99 -0.97
C ASP A 151 14.01 -3.93 -2.15
N ILE A 152 15.05 -4.24 -2.92
CA ILE A 152 14.91 -5.09 -4.10
C ILE A 152 14.46 -6.48 -3.70
N GLU A 153 15.16 -7.07 -2.72
CA GLU A 153 14.82 -8.42 -2.27
C GLU A 153 13.40 -8.47 -1.71
N PHE A 154 12.99 -7.44 -0.99
CA PHE A 154 11.64 -7.42 -0.42
C PHE A 154 10.59 -7.29 -1.51
N LEU A 155 10.80 -6.36 -2.45
CA LEU A 155 9.81 -6.13 -3.48
C LEU A 155 9.72 -7.30 -4.46
N GLN A 156 10.85 -7.95 -4.73
CA GLN A 156 10.83 -9.09 -5.66
C GLN A 156 9.98 -10.24 -5.10
N ARG A 157 10.04 -10.45 -3.79
CA ARG A 157 9.26 -11.53 -3.18
C ARG A 157 7.83 -11.10 -2.87
N LEU A 158 7.61 -9.81 -2.62
CA LEU A 158 6.26 -9.34 -2.32
C LEU A 158 5.38 -9.34 -3.56
N CYS A 159 5.88 -8.79 -4.67
CA CYS A 159 5.08 -8.72 -5.89
CA CYS A 159 5.08 -8.72 -5.89
C CYS A 159 4.72 -10.09 -6.45
N ARG A 160 5.37 -11.15 -5.98
CA ARG A 160 5.01 -12.49 -6.46
C ARG A 160 3.71 -12.97 -5.84
N THR A 161 3.34 -12.48 -4.66
CA THR A 161 2.20 -13.01 -3.92
C THR A 161 1.14 -12.00 -3.53
N VAL A 162 1.36 -10.70 -3.79
CA VAL A 162 0.43 -9.67 -3.34
C VAL A 162 0.59 -8.46 -4.24
N ASN A 163 -0.43 -7.60 -4.26
CA ASN A 163 -0.35 -6.33 -4.97
C ASN A 163 0.49 -5.36 -4.15
N VAL A 164 1.47 -4.72 -4.79
CA VAL A 164 2.41 -3.84 -4.12
C VAL A 164 2.40 -2.48 -4.79
N VAL A 165 2.18 -1.44 -4.00
CA VAL A 165 2.28 -0.06 -4.45
C VAL A 165 3.38 0.63 -3.66
N PRO A 166 4.54 0.84 -4.25
CA PRO A 166 5.61 1.53 -3.54
C PRO A 166 5.39 3.04 -3.51
N VAL A 167 5.88 3.66 -2.43
CA VAL A 167 5.78 5.09 -2.24
C VAL A 167 7.13 5.62 -1.77
N ILE A 168 7.39 6.89 -2.06
CA ILE A 168 8.55 7.58 -1.53
C ILE A 168 8.15 8.15 -0.17
N ALA A 169 8.64 7.53 0.89
CA ALA A 169 8.24 7.92 2.24
C ALA A 169 8.80 9.29 2.60
N ARG A 170 7.99 10.07 3.31
CA ARG A 170 8.38 11.40 3.81
C ARG A 170 8.99 12.24 2.68
N ALA A 171 8.27 12.30 1.56
CA ALA A 171 8.79 12.92 0.35
C ALA A 171 9.11 14.40 0.53
N ASP A 172 8.56 15.04 1.55
CA ASP A 172 8.84 16.46 1.80
C ASP A 172 10.29 16.70 2.20
N SER A 173 11.05 15.66 2.54
CA SER A 173 12.47 15.80 2.80
C SER A 173 13.29 15.95 1.53
N LEU A 174 12.67 15.79 0.37
CA LEU A 174 13.30 16.03 -0.92
C LEU A 174 12.60 17.17 -1.62
N THR A 175 13.36 17.95 -2.39
CA THR A 175 12.76 19.02 -3.17
C THR A 175 11.93 18.42 -4.31
N MET A 176 11.11 19.27 -4.93
CA MET A 176 10.24 18.81 -6.01
C MET A 176 11.05 18.22 -7.15
N GLU A 177 12.21 18.81 -7.45
CA GLU A 177 13.06 18.26 -8.50
C GLU A 177 13.72 16.97 -8.05
N GLU A 178 14.02 16.83 -6.76
CA GLU A 178 14.65 15.61 -6.27
C GLU A 178 13.64 14.46 -6.20
N ARG A 179 12.38 14.77 -5.87
CA ARG A 179 11.35 13.75 -5.87
C ARG A 179 11.18 13.12 -7.25
N GLU A 180 11.20 13.94 -8.30
CA GLU A 180 10.99 13.44 -9.65
C GLU A 180 12.17 12.60 -10.11
N ALA A 181 13.40 13.08 -9.88
CA ALA A 181 14.59 12.33 -10.27
C ALA A 181 14.69 11.02 -9.52
N PHE A 182 14.43 11.06 -8.21
CA PHE A 182 14.43 9.83 -7.42
C PHE A 182 13.34 8.87 -7.90
N ARG A 183 12.19 9.42 -8.27
CA ARG A 183 11.09 8.59 -8.78
C ARG A 183 11.51 7.87 -10.07
N ARG A 184 12.19 8.58 -10.97
CA ARG A 184 12.57 7.98 -12.25
C ARG A 184 13.62 6.88 -12.05
N ARG A 185 14.58 7.10 -11.15
CA ARG A 185 15.61 6.09 -10.91
C ARG A 185 15.02 4.83 -10.28
N ILE A 186 14.03 4.99 -9.40
CA ILE A 186 13.36 3.83 -8.83
C ILE A 186 12.62 3.06 -9.92
N GLN A 187 11.92 3.78 -10.80
CA GLN A 187 11.23 3.14 -11.92
C GLN A 187 12.21 2.37 -12.79
N GLN A 188 13.44 2.86 -12.94
CA GLN A 188 14.45 2.13 -13.69
C GLN A 188 14.89 0.88 -12.94
N ASN A 189 15.00 0.97 -11.61
CA ASN A 189 15.37 -0.20 -10.82
C ASN A 189 14.29 -1.27 -10.88
N LEU A 190 13.02 -0.86 -10.85
CA LEU A 190 11.92 -1.82 -10.93
C LEU A 190 11.94 -2.58 -12.24
N ARG A 191 12.35 -1.93 -13.32
CA ARG A 191 12.39 -2.59 -14.62
C ARG A 191 13.59 -3.51 -14.75
N THR A 192 14.75 -3.10 -14.25
CA THR A 192 15.95 -3.93 -14.37
C THR A 192 15.86 -5.19 -13.54
N HIS A 193 15.19 -5.12 -12.38
CA HIS A 193 15.08 -6.27 -11.48
C HIS A 193 13.75 -7.01 -11.64
N CYS A 194 13.00 -6.72 -12.70
CA CYS A 194 11.77 -7.45 -13.04
C CYS A 194 10.77 -7.43 -11.89
N ILE A 195 10.53 -6.24 -11.35
CA ILE A 195 9.58 -6.05 -10.26
C ILE A 195 8.30 -5.49 -10.85
N ASP A 196 7.31 -6.37 -11.06
CA ASP A 196 6.03 -5.95 -11.61
C ASP A 196 5.17 -5.39 -10.49
N VAL A 197 5.02 -4.08 -10.45
CA VAL A 197 4.34 -3.38 -9.38
C VAL A 197 2.96 -2.96 -9.86
N TYR A 198 1.99 -2.97 -8.94
CA TYR A 198 0.62 -2.57 -9.26
C TYR A 198 0.56 -1.09 -9.64
N PRO A 199 -0.20 -0.76 -10.70
CA PRO A 199 -0.97 -1.71 -11.53
C PRO A 199 -0.11 -2.45 -12.55
N GLN A 200 -0.15 -3.78 -12.51
CA GLN A 200 0.63 -4.59 -13.43
C GLN A 200 0.16 -4.36 -14.87
N MET A 201 1.12 -4.18 -15.77
CA MET A 201 0.80 -3.90 -17.17
C MET A 201 0.10 -5.07 -17.86
N CYS A 202 0.28 -6.29 -17.33
CA CYS A 202 -0.33 -7.47 -17.94
C CYS A 202 -1.80 -7.64 -17.59
N PHE A 203 -2.41 -6.68 -16.90
CA PHE A 203 -3.82 -6.75 -16.51
C PHE A 203 -4.66 -5.64 -17.10
N ASP A 204 -4.15 -4.92 -18.11
CA ASP A 204 -4.88 -3.83 -18.74
C ASP A 204 -5.43 -4.34 -20.07
N GLU A 205 -6.72 -4.71 -20.07
CA GLU A 205 -7.38 -5.19 -21.27
C GLU A 205 -7.97 -4.03 -22.08
N ASP A 206 -8.80 -3.22 -21.44
CA ASP A 206 -9.44 -2.10 -22.12
C ASP A 206 -8.42 -1.01 -22.45
N ILE A 207 -8.64 -0.34 -23.57
CA ILE A 207 -7.80 0.80 -23.94
C ILE A 207 -7.91 1.90 -22.88
N ASN A 208 -9.11 2.09 -22.34
CA ASN A 208 -9.29 3.08 -21.28
C ASN A 208 -8.46 2.72 -20.05
N ASP A 209 -8.32 1.42 -19.76
CA ASP A 209 -7.46 0.99 -18.66
C ASP A 209 -5.99 1.21 -18.98
N LYS A 210 -5.62 1.00 -20.25
CA LYS A 210 -4.22 1.19 -20.64
C LYS A 210 -3.80 2.66 -20.54
N ILE A 211 -4.74 3.59 -20.70
CA ILE A 211 -4.40 5.00 -20.61
C ILE A 211 -4.39 5.46 -19.15
N LEU A 212 -5.39 5.05 -18.37
CA LEU A 212 -5.46 5.45 -16.97
C LEU A 212 -4.31 4.86 -16.16
N ASN A 213 -4.00 3.57 -16.38
CA ASN A 213 -2.95 2.93 -15.60
C ASN A 213 -1.56 3.38 -16.02
N SER A 214 -1.38 3.74 -17.30
CA SER A 214 -0.10 4.30 -17.72
C SER A 214 0.18 5.64 -17.05
N LYS A 215 -0.86 6.44 -16.82
CA LYS A 215 -0.67 7.68 -16.07
C LYS A 215 -0.35 7.42 -14.61
N LEU A 216 -0.80 6.29 -14.07
CA LEU A 216 -0.50 5.95 -12.69
C LEU A 216 0.92 5.39 -12.55
N ARG A 217 1.29 4.44 -13.43
CA ARG A 217 2.64 3.88 -13.38
C ARG A 217 3.71 4.95 -13.57
N ASP A 218 3.37 6.04 -14.26
CA ASP A 218 4.32 7.14 -14.40
C ASP A 218 4.53 7.88 -13.08
N ARG A 219 3.54 7.82 -12.18
CA ARG A 219 3.65 8.49 -10.89
C ARG A 219 4.10 7.58 -9.77
N ILE A 220 4.02 6.26 -9.94
CA ILE A 220 4.52 5.32 -8.96
C ILE A 220 6.04 5.20 -9.10
N PRO A 221 6.76 5.30 -7.97
CA PRO A 221 6.27 5.43 -6.59
C PRO A 221 5.75 6.82 -6.23
N PHE A 222 4.61 6.86 -5.56
CA PHE A 222 4.01 8.13 -5.16
C PHE A 222 4.88 8.84 -4.14
N ALA A 223 5.03 10.16 -4.33
CA ALA A 223 5.74 11.01 -3.37
C ALA A 223 4.72 11.47 -2.33
N VAL A 224 4.62 10.72 -1.24
CA VAL A 224 3.57 10.91 -0.24
C VAL A 224 4.12 11.64 0.97
N VAL A 225 3.23 12.35 1.66
CA VAL A 225 3.51 13.01 2.92
C VAL A 225 2.35 12.70 3.86
N GLY A 226 2.68 12.32 5.10
CA GLY A 226 1.68 11.91 6.06
C GLY A 226 1.55 12.92 7.18
N ALA A 227 0.35 12.97 7.77
CA ALA A 227 0.07 13.91 8.86
C ALA A 227 -1.23 13.49 9.52
N ASP A 228 -1.18 13.31 10.84
CA ASP A 228 -2.36 12.98 11.63
C ASP A 228 -2.83 14.15 12.49
N GLN A 229 -2.22 15.33 12.31
CA GLN A 229 -2.56 16.52 13.08
C GLN A 229 -3.38 17.47 12.22
N GLU A 230 -4.46 18.00 12.80
CA GLU A 230 -5.32 18.95 12.11
C GLU A 230 -4.79 20.37 12.30
N HIS A 231 -5.22 21.25 11.40
CA HIS A 231 -4.79 22.65 11.43
C HIS A 231 -5.89 23.53 10.86
N LEU A 232 -5.96 24.76 11.37
CA LEU A 232 -6.89 25.77 10.89
C LEU A 232 -6.17 26.64 9.87
N VAL A 233 -6.49 26.46 8.59
CA VAL A 233 -5.87 27.20 7.50
C VAL A 233 -6.97 27.95 6.77
N ASN A 234 -7.09 29.24 7.06
CA ASN A 234 -8.11 30.15 6.53
C ASN A 234 -9.48 29.48 6.36
N GLY A 235 -10.15 29.21 7.47
CA GLY A 235 -11.52 28.74 7.45
C GLY A 235 -11.71 27.28 7.07
N ARG A 236 -10.63 26.51 6.93
CA ARG A 236 -10.71 25.11 6.54
C ARG A 236 -9.93 24.26 7.52
N CYS A 237 -10.48 23.08 7.83
CA CYS A 237 -9.83 22.12 8.71
C CYS A 237 -9.14 21.06 7.84
N VAL A 238 -7.81 21.01 7.93
CA VAL A 238 -7.01 20.17 7.05
C VAL A 238 -5.98 19.41 7.86
N LEU A 239 -5.59 18.24 7.35
CA LEU A 239 -4.45 17.50 7.89
C LEU A 239 -3.18 18.04 7.24
N GLY A 240 -2.16 18.28 8.06
CA GLY A 240 -0.93 18.82 7.53
C GLY A 240 0.22 18.74 8.52
N ARG A 241 1.42 18.91 7.98
CA ARG A 241 2.64 19.03 8.78
C ARG A 241 2.99 20.50 8.93
N LYS A 242 3.15 20.94 10.18
CA LYS A 242 3.47 22.33 10.48
C LYS A 242 4.98 22.52 10.41
N THR A 243 5.44 23.32 9.44
CA THR A 243 6.85 23.62 9.30
C THR A 243 7.16 24.99 9.87
N LYS A 244 8.04 25.74 9.20
CA LYS A 244 8.42 27.08 9.63
C LYS A 244 7.69 28.19 8.88
N TRP A 245 7.45 28.00 7.58
CA TRP A 245 6.85 29.04 6.75
C TRP A 245 5.53 28.59 6.13
N GLY A 246 4.86 27.61 6.72
CA GLY A 246 3.57 27.18 6.24
C GLY A 246 3.25 25.78 6.71
N ILE A 247 2.20 25.22 6.12
CA ILE A 247 1.69 23.90 6.47
C ILE A 247 1.60 23.08 5.20
N ILE A 248 2.11 21.85 5.24
CA ILE A 248 2.08 20.93 4.11
C ILE A 248 0.76 20.19 4.16
N GLU A 249 -0.23 20.66 3.41
CA GLU A 249 -1.53 20.01 3.33
C GLU A 249 -1.40 18.69 2.59
N VAL A 250 -1.52 17.58 3.33
CA VAL A 250 -1.26 16.26 2.75
C VAL A 250 -2.35 15.85 1.76
N GLU A 251 -3.55 16.42 1.87
CA GLU A 251 -4.63 16.13 0.94
C GLU A 251 -4.73 17.18 -0.16
N ASN A 252 -3.62 17.86 -0.45
CA ASN A 252 -3.55 18.86 -1.50
C ASN A 252 -2.55 18.37 -2.55
N MET A 253 -3.01 18.24 -3.79
CA MET A 253 -2.14 17.75 -4.86
C MET A 253 -1.00 18.71 -5.16
N ALA A 254 -1.16 19.99 -4.85
CA ALA A 254 -0.09 20.95 -5.08
C ALA A 254 1.06 20.82 -4.09
N HIS A 255 0.89 20.03 -3.03
CA HIS A 255 1.92 19.86 -2.02
C HIS A 255 2.57 18.48 -2.05
N CYS A 256 1.78 17.41 -2.20
CA CYS A 256 2.32 16.06 -2.27
C CYS A 256 1.37 15.21 -3.12
N GLU A 257 1.61 13.90 -3.13
CA GLU A 257 0.85 12.97 -3.96
C GLU A 257 0.06 11.97 -3.11
N PHE A 258 -0.20 12.29 -1.84
CA PHE A 258 -1.05 11.42 -1.03
C PHE A 258 -2.45 11.23 -1.60
N PRO A 259 -3.12 12.25 -2.16
CA PRO A 259 -4.42 11.98 -2.80
C PRO A 259 -4.37 10.92 -3.89
N LEU A 260 -3.25 10.83 -4.61
CA LEU A 260 -3.13 9.78 -5.63
C LEU A 260 -3.12 8.40 -5.00
N LEU A 261 -2.41 8.25 -3.89
CA LEU A 261 -2.40 6.97 -3.19
C LEU A 261 -3.74 6.69 -2.52
N ARG A 262 -4.36 7.72 -1.95
CA ARG A 262 -5.63 7.54 -1.24
C ARG A 262 -6.75 7.15 -2.19
N ASP A 263 -6.86 7.86 -3.33
CA ASP A 263 -7.94 7.57 -4.27
C ASP A 263 -7.75 6.25 -4.98
N LEU A 264 -6.49 5.82 -5.17
CA LEU A 264 -6.24 4.53 -5.78
C LEU A 264 -6.72 3.40 -4.87
N LEU A 265 -6.43 3.50 -3.57
CA LEU A 265 -6.73 2.40 -2.66
C LEU A 265 -8.22 2.37 -2.30
N ILE A 266 -8.85 3.53 -2.19
CA ILE A 266 -10.17 3.63 -1.58
C ILE A 266 -11.26 3.83 -2.63
N ARG A 267 -10.91 4.50 -3.73
CA ARG A 267 -11.92 4.94 -4.69
C ARG A 267 -11.76 4.26 -6.05
N SER A 268 -10.73 4.58 -6.82
CA SER A 268 -10.72 4.18 -8.23
C SER A 268 -10.38 2.70 -8.42
N HIS A 269 -9.40 2.19 -7.67
CA HIS A 269 -8.87 0.85 -7.91
C HIS A 269 -9.11 -0.10 -6.75
N LEU A 270 -10.08 0.20 -5.89
CA LEU A 270 -10.35 -0.68 -4.74
C LEU A 270 -10.81 -2.06 -5.19
N GLN A 271 -11.82 -2.10 -6.07
CA GLN A 271 -12.36 -3.37 -6.50
C GLN A 271 -11.37 -4.16 -7.36
N ASP A 272 -10.60 -3.44 -8.21
CA ASP A 272 -9.63 -4.14 -9.05
C ASP A 272 -8.53 -4.78 -8.22
N LEU A 273 -8.13 -4.13 -7.12
CA LEU A 273 -7.16 -4.74 -6.21
C LEU A 273 -7.71 -6.03 -5.60
N LYS A 274 -9.01 -6.04 -5.28
CA LYS A 274 -9.61 -7.25 -4.72
C LYS A 274 -9.74 -8.34 -5.78
N ASP A 275 -10.06 -7.96 -7.02
CA ASP A 275 -10.18 -8.95 -8.09
C ASP A 275 -8.85 -9.64 -8.36
N ILE A 276 -7.77 -8.86 -8.44
CA ILE A 276 -6.46 -9.44 -8.72
C ILE A 276 -5.98 -10.29 -7.54
N THR A 277 -6.27 -9.85 -6.32
CA THR A 277 -5.94 -10.67 -5.15
C THR A 277 -6.65 -12.01 -5.20
N HIS A 278 -7.92 -11.99 -5.59
CA HIS A 278 -8.72 -13.22 -5.60
C HIS A 278 -8.44 -14.07 -6.83
N ASN A 279 -8.46 -13.46 -8.02
CA ASN A 279 -8.39 -14.21 -9.25
C ASN A 279 -6.98 -14.57 -9.67
N ILE A 280 -5.96 -13.88 -9.14
CA ILE A 280 -4.59 -14.12 -9.60
C ILE A 280 -3.74 -14.63 -8.44
N HIS A 281 -3.59 -13.82 -7.39
CA HIS A 281 -2.67 -14.17 -6.31
C HIS A 281 -3.17 -15.36 -5.52
N TYR A 282 -4.45 -15.35 -5.13
CA TYR A 282 -4.99 -16.48 -4.36
C TYR A 282 -5.09 -17.74 -5.22
N GLU A 283 -5.46 -17.58 -6.49
CA GLU A 283 -5.53 -18.75 -7.38
C GLU A 283 -4.16 -19.37 -7.58
N ASN A 284 -3.12 -18.53 -7.74
CA ASN A 284 -1.76 -19.05 -7.87
C ASN A 284 -1.35 -19.83 -6.63
N TYR A 285 -1.68 -19.31 -5.45
CA TYR A 285 -1.42 -20.06 -4.22
C TYR A 285 -2.21 -21.36 -4.20
N ARG A 286 -3.45 -21.32 -4.69
CA ARG A 286 -4.28 -22.53 -4.70
C ARG A 286 -3.73 -23.57 -5.66
N VAL A 287 -3.21 -23.13 -6.81
CA VAL A 287 -2.65 -24.06 -7.78
C VAL A 287 -1.44 -24.79 -7.21
N ILE A 288 -0.59 -24.06 -6.48
CA ILE A 288 0.61 -24.67 -5.90
C ILE A 288 0.22 -25.65 -4.80
N ARG A 289 -0.73 -25.28 -3.93
CA ARG A 289 -1.08 -26.13 -2.81
C ARG A 289 -1.74 -27.42 -3.27
N LEU A 290 -2.64 -27.34 -4.26
CA LEU A 290 -3.33 -28.54 -4.73
C LEU A 290 -2.43 -29.46 -5.53
N ASN A 291 -1.36 -28.94 -6.13
CA ASN A 291 -0.43 -29.79 -6.88
C ASN A 291 0.50 -30.56 -5.95
N GLU A 292 1.01 -29.90 -4.90
CA GLU A 292 1.88 -30.59 -3.95
C GLU A 292 1.11 -31.52 -3.03
N SER A 293 -0.20 -31.35 -2.91
CA SER A 293 -1.02 -32.22 -2.07
C SER A 293 -1.26 -33.56 -2.74
PB GDP B . 7.10 4.54 11.26
O1B GDP B . 7.35 3.97 9.88
O2B GDP B . 8.15 4.01 12.20
O3B GDP B . 5.72 4.14 11.73
O3A GDP B . 7.22 6.14 11.21
PA GDP B . 6.28 7.10 12.10
O1A GDP B . 4.87 7.16 11.53
O2A GDP B . 6.25 6.64 13.53
O5' GDP B . 7.02 8.50 11.96
C5' GDP B . 8.14 8.80 12.79
C4' GDP B . 8.50 10.27 12.63
O4' GDP B . 8.44 10.61 11.24
C3' GDP B . 7.48 11.14 13.35
O3' GDP B . 8.14 12.02 14.26
C2' GDP B . 6.78 11.93 12.27
O2' GDP B . 6.60 13.29 12.67
C1' GDP B . 7.70 11.84 11.07
N9 GDP B . 6.92 11.82 9.81
C8 GDP B . 5.83 11.06 9.55
N7 GDP B . 5.36 11.30 8.29
C5 GDP B . 6.17 12.22 7.74
C6 GDP B . 6.25 12.93 6.43
O6 GDP B . 5.42 12.70 5.53
N1 GDP B . 7.23 13.81 6.26
C2 GDP B . 8.13 14.09 7.21
N2 GDP B . 9.11 15.00 6.95
N3 GDP B . 8.13 13.48 8.43
C4 GDP B . 7.19 12.56 8.74
MG MG C . 5.16 2.67 13.12
#